data_6NX1
#
_entry.id   6NX1
#
_cell.length_a   84.195
_cell.length_b   89.612
_cell.length_c   106.158
_cell.angle_alpha   90.000
_cell.angle_beta   90.000
_cell.angle_gamma   90.000
#
_symmetry.space_group_name_H-M   'P 21 21 21'
#
loop_
_entity.id
_entity.type
_entity.pdbx_description
1 polymer 'Nuclear receptor subfamily 1 group I member 2,Nuclear receptor coactivator 1 fusion'
2 non-polymer 1,1,1,3,3,3-hexafluoro-2-(4-{1-[(4-fluorophenyl)sulfonyl]cyclopentyl}phenyl)propan-2-ol
3 water water
#
_entity_poly.entity_id   1
_entity_poly.type   'polypeptide(L)'
_entity_poly.pdbx_seq_one_letter_code
;HHHHHHGSERTGTQPLGVQGLTEEQRMMIRELMDAQMKTFDTTFSHFKNFRLPGVLSSGCELPESLQAPSREEAAKWSQV
RKDLCSLKVSLQLRGEDGSVWNYKPPADSGGKEIFSLLPHMADMSTYMFKGIISFAKVISYFRDLPIEDQISLLKGAAFE
LCQLRFNTVFNAETGTWECGRLSYCLEDTAGGFQQLLLEPMLKFHYMLKKLQLHEEEYVLMQAISLFSPDRPGVLQHRVV
DQLQEQFAITLKSYIECNRPQPAHRFLFLKIMAMLTELRSINAQHTQRLLRIQDIHPFATPLMQELFGITGSSGGSGGSS
HSSLTERHKILHRLLQEGSPSDITTLSVEPD
;
_entity_poly.pdbx_strand_id   A,B
#
loop_
_chem_comp.id
_chem_comp.type
_chem_comp.name
_chem_comp.formula
L7D non-polymer 1,1,1,3,3,3-hexafluoro-2-(4-{1-[(4-fluorophenyl)sulfonyl]cyclopentyl}phenyl)propan-2-ol 'C20 H17 F7 O3 S'
#
# COMPACT_ATOMS: atom_id res chain seq x y z
N GLN A 19 2.32 3.32 25.07
CA GLN A 19 1.24 3.84 24.22
C GLN A 19 0.26 4.73 25.02
N GLY A 20 0.77 5.36 26.09
CA GLY A 20 0.00 6.24 26.97
C GLY A 20 -0.37 7.57 26.37
N LEU A 21 -1.10 7.52 25.24
CA LEU A 21 -1.56 8.68 24.51
C LEU A 21 -3.09 8.66 24.49
N THR A 22 -3.72 9.79 24.14
CA THR A 22 -5.16 9.93 23.98
C THR A 22 -5.55 9.00 22.83
N GLU A 23 -6.81 8.54 22.77
CA GLU A 23 -7.24 7.74 21.63
C GLU A 23 -7.18 8.62 20.37
N GLU A 24 -7.40 9.94 20.54
CA GLU A 24 -7.31 10.96 19.50
C GLU A 24 -5.86 10.98 18.95
N GLN A 25 -4.88 11.06 19.86
CA GLN A 25 -3.44 11.07 19.54
C GLN A 25 -3.04 9.80 18.81
N ARG A 26 -3.57 8.65 19.27
CA ARG A 26 -3.31 7.36 18.66
C ARG A 26 -3.88 7.32 17.23
N MET A 27 -5.03 7.98 17.03
CA MET A 27 -5.69 8.05 15.73
C MET A 27 -5.05 9.07 14.82
N MET A 28 -4.44 10.12 15.40
CA MET A 28 -3.70 11.15 14.68
C MET A 28 -2.44 10.48 14.07
N ILE A 29 -1.73 9.62 14.86
CA ILE A 29 -0.56 8.87 14.39
C ILE A 29 -0.99 7.90 13.26
N ARG A 30 -2.07 7.11 13.50
CA ARG A 30 -2.66 6.16 12.55
C ARG A 30 -2.96 6.81 11.20
N GLU A 31 -3.56 8.03 11.19
CA GLU A 31 -3.85 8.78 9.98
C GLU A 31 -2.59 9.22 9.23
N LEU A 32 -1.56 9.63 9.99
CA LEU A 32 -0.28 10.06 9.39
C LEU A 32 0.45 8.86 8.82
N MET A 33 0.44 7.75 9.54
CA MET A 33 1.10 6.50 9.16
C MET A 33 0.46 5.90 7.88
N ASP A 34 -0.88 5.95 7.80
CA ASP A 34 -1.72 5.55 6.68
C ASP A 34 -1.37 6.41 5.50
N ALA A 35 -1.35 7.75 5.69
CA ALA A 35 -1.03 8.72 4.64
C ALA A 35 0.38 8.45 4.03
N GLN A 36 1.34 8.15 4.89
CA GLN A 36 2.72 7.83 4.53
C GLN A 36 2.82 6.52 3.74
N MET A 37 2.11 5.46 4.18
CA MET A 37 2.21 4.18 3.47
C MET A 37 1.59 4.24 2.09
N LYS A 38 0.49 4.98 1.96
CA LYS A 38 -0.22 5.16 0.70
C LYS A 38 0.59 5.98 -0.31
N THR A 39 1.36 6.97 0.16
CA THR A 39 2.02 7.95 -0.73
C THR A 39 3.56 7.96 -0.72
N PHE A 40 4.20 7.09 0.04
CA PHE A 40 5.66 7.09 0.01
C PHE A 40 6.10 5.81 -0.65
N ASP A 41 6.56 5.94 -1.88
CA ASP A 41 7.10 4.83 -2.66
C ASP A 41 8.55 4.61 -2.19
N THR A 42 8.72 3.89 -1.06
CA THR A 42 10.02 3.65 -0.41
C THR A 42 11.02 2.92 -1.29
N THR A 43 10.54 2.05 -2.19
CA THR A 43 11.44 1.33 -3.11
C THR A 43 11.66 2.07 -4.43
N PHE A 44 11.01 3.26 -4.61
CA PHE A 44 11.09 4.10 -5.82
C PHE A 44 10.75 3.30 -7.09
N SER A 45 9.82 2.33 -6.96
CA SER A 45 9.43 1.44 -8.06
C SER A 45 8.60 2.10 -9.16
N HIS A 46 7.98 3.25 -8.88
CA HIS A 46 7.16 3.99 -9.84
C HIS A 46 7.90 5.20 -10.38
N PHE A 47 9.17 5.38 -9.97
CA PHE A 47 9.99 6.45 -10.51
C PHE A 47 10.60 5.88 -11.79
N LYS A 48 10.01 6.29 -12.91
CA LYS A 48 10.41 5.84 -14.25
C LYS A 48 10.32 7.03 -15.20
N ASN A 49 10.90 6.88 -16.40
CA ASN A 49 10.91 7.87 -17.49
C ASN A 49 11.67 9.16 -17.20
N PHE A 50 12.61 9.11 -16.27
CA PHE A 50 13.45 10.26 -15.89
C PHE A 50 14.60 10.49 -16.90
N ARG A 51 15.12 11.72 -16.94
CA ARG A 51 16.26 12.02 -17.79
C ARG A 51 17.55 11.56 -17.09
N LEU A 52 18.61 11.39 -17.88
CA LEU A 52 19.93 10.97 -17.38
C LEU A 52 21.00 11.83 -17.99
N PRO A 53 22.20 11.99 -17.39
CA PRO A 53 23.24 12.76 -18.08
C PRO A 53 23.62 12.01 -19.37
N GLY A 54 23.81 12.78 -20.44
CA GLY A 54 24.16 12.26 -21.76
C GLY A 54 25.47 11.51 -21.76
N VAL A 55 25.60 10.58 -22.73
CA VAL A 55 26.78 9.75 -22.95
C VAL A 55 27.84 10.50 -23.85
N LEU A 56 27.35 11.49 -24.63
CA LEU A 56 28.13 12.40 -25.49
C LEU A 56 29.13 13.22 -24.67
N GLU A 73 26.81 39.24 -13.39
CA GLU A 73 26.86 38.26 -14.49
C GLU A 73 27.94 37.21 -14.26
N ALA A 74 29.21 37.66 -14.10
CA ALA A 74 30.34 36.79 -13.80
C ALA A 74 30.27 36.42 -12.31
N ALA A 75 29.65 37.32 -11.51
CA ALA A 75 29.41 37.15 -10.08
C ALA A 75 28.32 36.08 -9.88
N LYS A 76 27.31 36.03 -10.80
CA LYS A 76 26.23 35.04 -10.81
C LYS A 76 26.78 33.64 -11.00
N TRP A 77 27.66 33.46 -12.03
CA TRP A 77 28.33 32.20 -12.38
C TRP A 77 29.28 31.73 -11.28
N SER A 78 29.89 32.69 -10.54
CA SER A 78 30.80 32.39 -9.44
C SER A 78 30.04 31.76 -8.29
N GLN A 79 28.86 32.34 -7.94
CA GLN A 79 28.00 31.83 -6.87
C GLN A 79 27.37 30.48 -7.22
N VAL A 80 26.88 30.34 -8.46
CA VAL A 80 26.27 29.11 -8.95
C VAL A 80 27.24 27.90 -8.86
N ARG A 81 28.55 28.11 -9.12
CA ARG A 81 29.59 27.07 -9.04
C ARG A 81 29.72 26.56 -7.62
N LYS A 82 29.71 27.51 -6.65
CA LYS A 82 29.76 27.22 -5.22
C LYS A 82 28.49 26.47 -4.79
N ASP A 83 27.33 26.86 -5.37
CA ASP A 83 26.00 26.30 -5.09
C ASP A 83 25.89 24.81 -5.46
N LEU A 84 26.48 24.43 -6.59
CA LEU A 84 26.40 23.07 -7.10
C LEU A 84 27.48 22.13 -6.62
N CYS A 85 28.76 22.59 -6.59
CA CYS A 85 29.91 21.77 -6.18
C CYS A 85 29.73 21.03 -4.85
N SER A 86 29.11 21.69 -3.85
CA SER A 86 28.88 21.12 -2.51
C SER A 86 27.94 19.91 -2.50
N LEU A 87 26.87 19.95 -3.31
CA LEU A 87 25.89 18.87 -3.41
C LEU A 87 26.22 17.87 -4.54
N LYS A 88 27.52 17.70 -4.87
CA LYS A 88 27.93 16.79 -5.95
C LYS A 88 27.75 15.34 -5.55
N VAL A 89 27.11 14.55 -6.45
CA VAL A 89 26.85 13.14 -6.23
C VAL A 89 27.15 12.30 -7.47
N SER A 90 27.49 11.03 -7.25
CA SER A 90 27.62 10.08 -8.33
C SER A 90 26.30 9.32 -8.34
N LEU A 91 25.93 8.76 -9.47
CA LEU A 91 24.68 8.05 -9.67
C LEU A 91 24.97 6.63 -10.01
N GLN A 92 24.22 5.70 -9.39
CA GLN A 92 24.30 4.29 -9.69
C GLN A 92 22.90 3.77 -9.99
N LEU A 93 22.77 2.99 -11.07
CA LEU A 93 21.51 2.38 -11.51
C LEU A 93 21.74 0.88 -11.65
N ARG A 94 21.02 0.05 -10.86
CA ARG A 94 21.13 -1.40 -10.87
C ARG A 94 19.96 -2.06 -11.58
N GLY A 95 20.22 -2.63 -12.75
CA GLY A 95 19.20 -3.31 -13.54
C GLY A 95 18.73 -4.59 -12.87
N GLU A 96 17.47 -5.02 -13.17
CA GLU A 96 16.87 -6.25 -12.61
C GLU A 96 17.65 -7.50 -13.04
N ASP A 97 18.21 -7.45 -14.28
CA ASP A 97 19.03 -8.49 -14.89
C ASP A 97 20.38 -8.73 -14.17
N GLY A 98 20.80 -7.76 -13.35
CA GLY A 98 22.06 -7.82 -12.62
C GLY A 98 23.12 -6.83 -13.09
N SER A 99 22.82 -6.09 -14.17
CA SER A 99 23.73 -5.07 -14.73
C SER A 99 23.81 -3.82 -13.86
N VAL A 100 24.97 -3.16 -13.85
CA VAL A 100 25.18 -1.92 -13.11
C VAL A 100 25.69 -0.81 -14.06
N TRP A 101 24.97 0.32 -14.12
CA TRP A 101 25.38 1.53 -14.84
C TRP A 101 25.77 2.52 -13.72
N ASN A 102 26.97 3.09 -13.77
CA ASN A 102 27.46 4.09 -12.81
C ASN A 102 27.88 5.35 -13.55
N TYR A 103 27.54 6.51 -13.00
CA TYR A 103 27.88 7.82 -13.56
C TYR A 103 28.66 8.64 -12.54
N LYS A 104 29.86 9.08 -12.92
CA LYS A 104 30.70 9.94 -12.11
C LYS A 104 30.62 11.36 -12.72
N PRO A 105 30.30 12.41 -11.93
CA PRO A 105 30.17 13.76 -12.51
C PRO A 105 31.51 14.39 -12.91
N PRO A 106 31.54 15.35 -13.86
CA PRO A 106 32.82 16.01 -14.20
C PRO A 106 33.35 16.87 -13.06
N ALA A 107 34.68 17.10 -13.04
CA ALA A 107 35.32 17.96 -12.03
C ALA A 107 35.47 19.39 -12.60
N ASP A 108 34.44 20.25 -12.32
CA ASP A 108 34.27 21.65 -12.77
C ASP A 108 34.90 22.02 -14.12
N SER A 109 36.17 22.52 -14.15
CA SER A 109 36.92 22.92 -15.36
C SER A 109 36.30 24.03 -16.24
N GLY A 110 35.12 23.77 -16.79
CA GLY A 110 34.39 24.72 -17.63
C GLY A 110 33.58 25.72 -16.81
N GLY A 111 32.33 26.00 -17.17
CA GLY A 111 31.56 25.43 -18.28
C GLY A 111 30.21 24.91 -17.83
N LYS A 112 29.34 24.50 -18.79
CA LYS A 112 27.98 23.99 -18.53
C LYS A 112 27.89 22.55 -17.98
N GLU A 113 29.04 21.85 -17.89
CA GLU A 113 29.15 20.47 -17.39
C GLU A 113 28.78 20.31 -15.91
N ILE A 114 28.83 21.43 -15.14
CA ILE A 114 28.45 21.47 -13.72
C ILE A 114 26.93 21.26 -13.53
N PHE A 115 26.16 21.33 -14.64
CA PHE A 115 24.71 21.16 -14.66
C PHE A 115 24.28 19.80 -15.20
N SER A 116 25.23 18.85 -15.44
CA SER A 116 24.95 17.54 -16.06
C SER A 116 23.89 16.72 -15.34
N LEU A 117 23.82 16.80 -14.01
CA LEU A 117 22.81 16.04 -13.26
C LEU A 117 21.48 16.75 -12.94
N LEU A 118 21.34 18.07 -13.26
CA LEU A 118 20.13 18.84 -12.96
C LEU A 118 18.83 18.30 -13.55
N PRO A 119 18.74 17.98 -14.87
CA PRO A 119 17.47 17.42 -15.39
C PRO A 119 17.07 16.12 -14.67
N HIS A 120 18.06 15.23 -14.32
CA HIS A 120 17.74 14.00 -13.58
C HIS A 120 17.17 14.36 -12.19
N MET A 121 17.87 15.24 -11.49
CA MET A 121 17.55 15.74 -10.16
C MET A 121 16.19 16.43 -10.12
N ALA A 122 15.87 17.21 -11.18
CA ALA A 122 14.57 17.87 -11.33
C ALA A 122 13.47 16.79 -11.48
N ASP A 123 13.76 15.69 -12.19
CA ASP A 123 12.80 14.58 -12.30
C ASP A 123 12.62 13.85 -10.97
N MET A 124 13.71 13.61 -10.22
CA MET A 124 13.62 12.96 -8.92
C MET A 124 12.85 13.84 -7.91
N SER A 125 13.21 15.15 -7.79
CA SER A 125 12.50 16.09 -6.90
C SER A 125 11.05 16.16 -7.28
N THR A 126 10.72 16.28 -8.58
CA THR A 126 9.33 16.34 -9.07
C THR A 126 8.59 15.08 -8.64
N TYR A 127 9.22 13.89 -8.79
CA TYR A 127 8.58 12.64 -8.35
C TYR A 127 8.34 12.71 -6.81
N MET A 128 9.33 13.22 -6.06
CA MET A 128 9.20 13.32 -4.60
C MET A 128 8.11 14.30 -4.20
N PHE A 129 8.07 15.46 -4.85
CA PHE A 129 7.10 16.50 -4.60
C PHE A 129 5.67 15.99 -4.83
N LYS A 130 5.43 15.20 -5.90
CA LYS A 130 4.10 14.61 -6.16
C LYS A 130 3.67 13.70 -5.01
N GLY A 131 4.61 12.93 -4.46
CA GLY A 131 4.36 12.05 -3.31
C GLY A 131 4.01 12.87 -2.07
N ILE A 132 4.68 14.02 -1.87
CA ILE A 132 4.42 14.92 -0.73
C ILE A 132 3.01 15.55 -0.84
N ILE A 133 2.64 16.00 -2.04
CA ILE A 133 1.29 16.55 -2.32
C ILE A 133 0.25 15.47 -1.99
N SER A 134 0.44 14.23 -2.47
CA SER A 134 -0.49 13.11 -2.21
C SER A 134 -0.57 12.87 -0.71
N PHE A 135 0.60 12.86 -0.02
CA PHE A 135 0.67 12.74 1.44
C PHE A 135 -0.25 13.76 2.14
N ALA A 136 -0.05 15.05 1.86
CA ALA A 136 -0.84 16.14 2.41
C ALA A 136 -2.37 15.96 2.13
N LYS A 137 -2.73 15.59 0.88
CA LYS A 137 -4.11 15.35 0.42
C LYS A 137 -4.87 14.28 1.25
N VAL A 138 -4.20 13.18 1.65
CA VAL A 138 -4.83 12.12 2.46
C VAL A 138 -5.12 12.52 3.93
N ILE A 139 -4.50 13.61 4.41
CA ILE A 139 -4.70 14.09 5.78
C ILE A 139 -5.96 14.95 5.88
N SER A 140 -6.92 14.52 6.72
CA SER A 140 -8.19 15.23 7.01
C SER A 140 -7.94 16.65 7.49
N TYR A 141 -7.02 16.81 8.48
CA TYR A 141 -6.62 18.11 9.04
C TYR A 141 -6.17 19.10 7.98
N PHE A 142 -5.53 18.62 6.90
CA PHE A 142 -5.04 19.43 5.78
C PHE A 142 -6.14 19.66 4.75
N ARG A 143 -6.87 18.57 4.38
CA ARG A 143 -7.98 18.57 3.42
C ARG A 143 -9.07 19.60 3.84
N ASP A 144 -9.37 19.66 5.14
CA ASP A 144 -10.37 20.58 5.70
C ASP A 144 -9.96 22.07 5.69
N LEU A 145 -8.70 22.39 5.29
CA LEU A 145 -8.23 23.78 5.24
C LEU A 145 -8.61 24.42 3.89
N PRO A 146 -8.75 25.77 3.78
CA PRO A 146 -9.06 26.36 2.46
C PRO A 146 -7.95 26.08 1.44
N ILE A 147 -8.33 25.81 0.18
CA ILE A 147 -7.43 25.50 -0.94
C ILE A 147 -6.20 26.41 -1.05
N GLU A 148 -6.36 27.72 -0.81
CA GLU A 148 -5.27 28.68 -0.86
C GLU A 148 -4.23 28.38 0.23
N ASP A 149 -4.70 27.95 1.42
CA ASP A 149 -3.82 27.58 2.53
C ASP A 149 -3.11 26.25 2.27
N GLN A 150 -3.78 25.31 1.57
CA GLN A 150 -3.23 24.03 1.15
C GLN A 150 -2.06 24.29 0.20
N ILE A 151 -2.23 25.27 -0.69
CA ILE A 151 -1.19 25.70 -1.62
C ILE A 151 -0.04 26.31 -0.86
N SER A 152 -0.32 27.32 -0.02
CA SER A 152 0.69 28.05 0.78
C SER A 152 1.52 27.10 1.68
N LEU A 153 0.85 26.09 2.30
CA LEU A 153 1.57 25.13 3.15
C LEU A 153 2.45 24.20 2.33
N LEU A 154 1.95 23.77 1.16
CA LEU A 154 2.68 22.90 0.27
C LEU A 154 3.88 23.59 -0.35
N LYS A 155 3.75 24.90 -0.67
CA LYS A 155 4.84 25.72 -1.19
C LYS A 155 5.92 25.89 -0.13
N GLY A 156 5.49 26.11 1.11
CA GLY A 156 6.41 26.31 2.22
C GLY A 156 7.13 25.07 2.72
N ALA A 157 6.46 23.89 2.67
CA ALA A 157 6.98 22.62 3.22
C ALA A 157 7.51 21.54 2.24
N ALA A 158 7.20 21.65 0.93
CA ALA A 158 7.59 20.65 -0.09
C ALA A 158 9.03 20.12 0.02
N PHE A 159 10.03 21.01 -0.06
CA PHE A 159 11.46 20.65 0.10
C PHE A 159 11.74 19.96 1.44
N GLU A 160 11.15 20.48 2.54
CA GLU A 160 11.34 19.99 3.89
C GLU A 160 10.86 18.55 4.05
N LEU A 161 9.64 18.25 3.56
CA LEU A 161 9.05 16.92 3.62
C LEU A 161 9.84 15.92 2.75
N CYS A 162 10.37 16.40 1.62
N CYS A 162 10.38 16.38 1.61
CA CYS A 162 11.22 15.62 0.70
CA CYS A 162 11.23 15.55 0.74
C CYS A 162 12.52 15.18 1.40
C CYS A 162 12.52 15.14 1.45
N GLN A 163 13.17 16.11 2.14
CA GLN A 163 14.42 15.87 2.89
C GLN A 163 14.18 14.87 3.99
N LEU A 164 13.05 15.03 4.70
CA LEU A 164 12.66 14.10 5.75
C LEU A 164 12.46 12.67 5.23
N ARG A 165 11.82 12.51 4.07
CA ARG A 165 11.60 11.23 3.44
C ARG A 165 12.93 10.68 2.93
N PHE A 166 13.78 11.55 2.32
CA PHE A 166 15.13 11.13 1.84
C PHE A 166 15.98 10.66 3.01
N ASN A 167 15.83 11.28 4.21
CA ASN A 167 16.59 10.85 5.37
C ASN A 167 16.37 9.38 5.69
N THR A 168 15.13 8.88 5.49
CA THR A 168 14.80 7.47 5.76
C THR A 168 15.50 6.47 4.84
N VAL A 169 15.96 6.91 3.66
CA VAL A 169 16.70 6.06 2.71
C VAL A 169 18.20 6.41 2.73
N PHE A 170 18.61 7.31 3.61
CA PHE A 170 19.98 7.70 3.73
C PHE A 170 20.80 6.67 4.53
N ASN A 171 21.95 6.26 3.97
CA ASN A 171 22.89 5.33 4.60
C ASN A 171 24.04 6.18 5.05
N ALA A 172 24.07 6.51 6.35
CA ALA A 172 25.12 7.34 6.94
C ALA A 172 26.52 6.70 6.89
N GLU A 173 26.62 5.35 6.87
CA GLU A 173 27.91 4.66 6.81
C GLU A 173 28.60 4.86 5.45
N THR A 174 27.84 4.65 4.33
CA THR A 174 28.34 4.79 2.95
C THR A 174 28.10 6.16 2.30
N GLY A 175 27.43 7.08 3.00
CA GLY A 175 27.11 8.42 2.50
C GLY A 175 26.25 8.41 1.24
N THR A 176 25.31 7.47 1.17
CA THR A 176 24.47 7.20 0.00
C THR A 176 22.96 7.22 0.34
N TRP A 177 22.15 7.84 -0.53
CA TRP A 177 20.71 7.81 -0.48
C TRP A 177 20.41 6.59 -1.35
N GLU A 178 19.80 5.55 -0.76
CA GLU A 178 19.48 4.30 -1.43
C GLU A 178 18.01 4.28 -1.88
N CYS A 179 17.76 4.71 -3.12
CA CYS A 179 16.45 4.89 -3.76
C CYS A 179 16.06 3.75 -4.69
N GLY A 180 15.88 2.57 -4.09
CA GLY A 180 15.52 1.36 -4.82
C GLY A 180 16.69 0.92 -5.70
N ARG A 181 16.46 0.93 -7.01
CA ARG A 181 17.48 0.59 -8.01
C ARG A 181 18.48 1.76 -8.25
N LEU A 182 18.20 2.96 -7.72
CA LEU A 182 19.08 4.13 -7.84
C LEU A 182 19.80 4.39 -6.52
N SER A 183 21.02 4.91 -6.60
CA SER A 183 21.82 5.31 -5.45
C SER A 183 22.50 6.62 -5.81
N TYR A 184 22.50 7.59 -4.86
CA TYR A 184 23.15 8.90 -4.97
C TYR A 184 24.22 8.89 -3.89
N CYS A 185 25.50 8.80 -4.33
CA CYS A 185 26.68 8.70 -3.47
CA CYS A 185 26.69 8.72 -3.47
C CYS A 185 27.43 10.05 -3.43
N LEU A 186 27.62 10.58 -2.22
CA LEU A 186 28.32 11.83 -1.94
C LEU A 186 29.77 11.74 -2.44
N GLU A 187 30.24 12.78 -3.14
CA GLU A 187 31.62 12.83 -3.66
C GLU A 187 32.61 13.11 -2.53
N ASP A 188 33.50 12.13 -2.24
CA ASP A 188 34.51 12.21 -1.18
C ASP A 188 35.59 13.28 -1.50
N THR A 189 35.23 14.56 -1.26
CA THR A 189 36.07 15.75 -1.53
C THR A 189 36.59 16.42 -0.23
N ALA A 190 37.85 16.14 0.18
CA ALA A 190 38.81 15.21 -0.46
C ALA A 190 39.36 14.20 0.54
N GLN A 194 34.33 13.97 6.16
CA GLN A 194 34.33 14.95 7.26
C GLN A 194 34.17 16.41 6.79
N GLN A 195 34.62 16.75 5.55
CA GLN A 195 34.50 18.09 4.95
C GLN A 195 33.06 18.40 4.47
N LEU A 196 32.23 17.35 4.36
CA LEU A 196 30.82 17.40 3.97
C LEU A 196 30.01 18.14 5.07
N LEU A 197 30.42 17.97 6.36
CA LEU A 197 29.82 18.60 7.54
C LEU A 197 29.68 20.13 7.42
N LEU A 198 30.47 20.74 6.51
CA LEU A 198 30.46 22.17 6.20
C LEU A 198 29.12 22.53 5.53
N GLU A 199 28.63 21.67 4.60
CA GLU A 199 27.36 21.85 3.90
C GLU A 199 26.17 21.54 4.87
N PRO A 200 25.33 22.56 5.21
CA PRO A 200 24.23 22.31 6.15
C PRO A 200 23.25 21.23 5.72
N MET A 201 23.00 21.11 4.40
CA MET A 201 22.12 20.09 3.83
C MET A 201 22.64 18.69 4.08
N LEU A 202 23.97 18.51 4.13
CA LEU A 202 24.57 17.20 4.37
C LEU A 202 24.70 16.88 5.84
N LYS A 203 25.03 17.90 6.65
CA LYS A 203 25.15 17.78 8.11
C LYS A 203 23.79 17.36 8.67
N PHE A 204 22.69 17.94 8.12
CA PHE A 204 21.30 17.65 8.49
C PHE A 204 21.05 16.14 8.38
N HIS A 205 21.38 15.54 7.22
CA HIS A 205 21.15 14.11 7.00
C HIS A 205 21.94 13.22 7.96
N TYR A 206 23.19 13.60 8.30
CA TYR A 206 24.00 12.79 9.23
C TYR A 206 23.46 12.89 10.64
N MET A 207 23.08 14.11 11.06
CA MET A 207 22.56 14.39 12.40
C MET A 207 21.20 13.78 12.62
N LEU A 208 20.28 13.91 11.63
CA LEU A 208 18.95 13.31 11.77
C LEU A 208 19.06 11.80 11.86
N LYS A 209 19.88 11.20 10.99
CA LYS A 209 20.08 9.75 10.95
C LYS A 209 20.55 9.22 12.29
N LYS A 210 21.45 9.96 12.95
CA LYS A 210 22.03 9.63 14.25
C LYS A 210 20.96 9.48 15.33
N LEU A 211 19.84 10.19 15.21
CA LEU A 211 18.75 10.11 16.20
C LEU A 211 17.99 8.78 16.17
N GLN A 212 18.21 7.97 15.13
CA GLN A 212 17.59 6.65 14.92
C GLN A 212 16.08 6.67 15.18
N LEU A 213 15.36 7.59 14.51
CA LEU A 213 13.92 7.78 14.69
C LEU A 213 13.09 6.64 14.16
N HIS A 214 11.90 6.44 14.74
CA HIS A 214 10.92 5.45 14.30
C HIS A 214 10.11 6.11 13.17
N GLU A 215 9.37 5.30 12.37
CA GLU A 215 8.51 5.78 11.28
C GLU A 215 7.53 6.83 11.79
N GLU A 216 6.94 6.56 12.97
CA GLU A 216 5.96 7.42 13.64
C GLU A 216 6.56 8.80 13.94
N GLU A 217 7.84 8.84 14.34
CA GLU A 217 8.54 10.09 14.65
C GLU A 217 8.83 10.89 13.39
N TYR A 218 9.22 10.20 12.31
CA TYR A 218 9.45 10.86 11.00
C TYR A 218 8.14 11.48 10.46
N VAL A 219 7.04 10.72 10.57
CA VAL A 219 5.73 11.19 10.08
C VAL A 219 5.17 12.37 10.90
N LEU A 220 5.44 12.38 12.22
CA LEU A 220 5.02 13.47 13.08
C LEU A 220 5.90 14.69 12.75
N MET A 221 7.19 14.46 12.39
CA MET A 221 8.08 15.55 11.92
C MET A 221 7.51 16.16 10.67
N GLN A 222 7.03 15.32 9.71
CA GLN A 222 6.44 15.79 8.44
C GLN A 222 5.21 16.65 8.69
N ALA A 223 4.33 16.24 9.63
CA ALA A 223 3.11 17.00 10.00
C ALA A 223 3.45 18.35 10.60
N ILE A 224 4.43 18.36 11.56
CA ILE A 224 4.86 19.59 12.23
C ILE A 224 5.35 20.59 11.19
N SER A 225 6.21 20.12 10.25
CA SER A 225 6.73 20.97 9.17
C SER A 225 5.61 21.36 8.20
N LEU A 226 4.74 20.41 7.83
CA LEU A 226 3.63 20.72 6.90
C LEU A 226 2.71 21.82 7.46
N PHE A 227 2.31 21.66 8.76
CA PHE A 227 1.40 22.62 9.41
C PHE A 227 2.15 23.75 10.09
N SER A 228 2.99 24.48 9.35
CA SER A 228 3.74 25.62 9.87
C SER A 228 2.89 26.89 9.66
N PRO A 229 2.43 27.56 10.74
CA PRO A 229 1.54 28.74 10.56
C PRO A 229 2.17 29.96 9.90
N ASP A 230 3.45 30.17 10.13
CA ASP A 230 4.19 31.33 9.66
C ASP A 230 4.64 31.30 8.18
N ARG A 231 4.19 30.30 7.40
CA ARG A 231 4.57 30.21 5.98
C ARG A 231 4.06 31.39 5.17
N PRO A 232 4.85 31.93 4.21
CA PRO A 232 4.32 33.02 3.37
C PRO A 232 2.95 32.71 2.75
N GLY A 233 2.03 33.66 2.85
CA GLY A 233 0.69 33.54 2.26
C GLY A 233 -0.38 32.78 3.02
N VAL A 234 -0.04 32.27 4.22
CA VAL A 234 -1.01 31.53 5.04
C VAL A 234 -2.02 32.52 5.67
N LEU A 235 -3.32 32.19 5.60
CA LEU A 235 -4.39 33.02 6.16
C LEU A 235 -4.71 32.59 7.59
N GLN A 236 -5.20 31.34 7.75
CA GLN A 236 -5.59 30.75 9.03
C GLN A 236 -4.39 30.45 9.96
N HIS A 237 -3.68 31.49 10.45
CA HIS A 237 -2.54 31.32 11.35
C HIS A 237 -2.93 30.59 12.64
N ARG A 238 -4.08 30.97 13.24
CA ARG A 238 -4.60 30.38 14.48
C ARG A 238 -4.87 28.88 14.34
N VAL A 239 -5.61 28.49 13.29
CA VAL A 239 -5.99 27.11 12.98
C VAL A 239 -4.75 26.21 12.71
N VAL A 240 -3.81 26.71 11.89
CA VAL A 240 -2.59 25.97 11.52
C VAL A 240 -1.65 25.81 12.75
N ASP A 241 -1.52 26.89 13.56
CA ASP A 241 -0.73 26.89 14.79
C ASP A 241 -1.26 25.86 15.77
N GLN A 242 -2.60 25.81 15.91
CA GLN A 242 -3.31 24.87 16.79
C GLN A 242 -3.03 23.43 16.38
N LEU A 243 -3.11 23.15 15.05
CA LEU A 243 -2.84 21.81 14.51
C LEU A 243 -1.38 21.37 14.74
N GLN A 244 -0.42 22.29 14.52
CA GLN A 244 1.01 22.05 14.72
C GLN A 244 1.32 21.70 16.18
N GLU A 245 0.75 22.49 17.13
CA GLU A 245 0.93 22.27 18.55
C GLU A 245 0.44 20.87 18.92
N GLN A 246 -0.73 20.47 18.40
CA GLN A 246 -1.33 19.13 18.62
C GLN A 246 -0.36 18.04 18.11
N PHE A 247 0.17 18.17 16.87
CA PHE A 247 1.14 17.21 16.34
C PHE A 247 2.38 17.12 17.26
N ALA A 248 2.89 18.30 17.71
CA ALA A 248 4.08 18.40 18.59
C ALA A 248 3.85 17.73 19.93
N ILE A 249 2.67 17.98 20.56
CA ILE A 249 2.26 17.35 21.82
C ILE A 249 2.15 15.84 21.60
N THR A 250 1.51 15.40 20.48
CA THR A 250 1.45 13.96 20.17
C THR A 250 2.88 13.39 20.04
N LEU A 251 3.80 14.12 19.39
CA LEU A 251 5.19 13.65 19.26
C LEU A 251 5.88 13.55 20.63
N LYS A 252 5.71 14.61 21.45
CA LYS A 252 6.26 14.67 22.82
C LYS A 252 5.75 13.47 23.63
N SER A 253 4.43 13.27 23.67
CA SER A 253 3.81 12.17 24.40
C SER A 253 4.25 10.80 23.88
N TYR A 254 4.34 10.62 22.53
CA TYR A 254 4.83 9.36 21.96
C TYR A 254 6.22 9.03 22.52
N ILE A 255 7.13 10.02 22.57
CA ILE A 255 8.49 9.81 23.05
C ILE A 255 8.53 9.39 24.53
N GLU A 256 7.81 10.10 25.41
CA GLU A 256 7.74 9.80 26.85
C GLU A 256 7.28 8.36 27.09
N CYS A 257 6.20 7.96 26.41
CA CYS A 257 5.53 6.67 26.54
C CYS A 257 6.17 5.48 25.84
N ASN A 258 6.81 5.70 24.68
CA ASN A 258 7.32 4.56 23.92
C ASN A 258 8.82 4.37 23.88
N ARG A 259 9.56 5.29 24.50
CA ARG A 259 11.01 5.20 24.54
C ARG A 259 11.57 5.06 25.95
N PRO A 260 12.62 4.21 26.13
CA PRO A 260 13.22 4.06 27.48
C PRO A 260 13.69 5.38 28.10
N GLN A 261 12.96 5.84 29.11
CA GLN A 261 13.28 7.06 29.84
C GLN A 261 14.18 6.69 31.04
N PRO A 262 15.19 7.51 31.42
CA PRO A 262 15.54 8.86 30.93
C PRO A 262 16.63 8.92 29.85
N ALA A 263 16.88 7.83 29.12
CA ALA A 263 17.89 7.82 28.05
C ALA A 263 17.50 8.74 26.88
N HIS A 264 16.18 8.91 26.64
CA HIS A 264 15.63 9.73 25.56
C HIS A 264 14.93 10.98 26.09
N ARG A 265 15.44 11.47 27.22
CA ARG A 265 14.97 12.65 27.94
C ARG A 265 14.75 13.89 27.08
N PHE A 266 15.74 14.20 26.23
CA PHE A 266 15.65 15.41 25.41
C PHE A 266 15.42 15.15 23.91
N LEU A 267 15.02 13.92 23.53
CA LEU A 267 14.78 13.53 22.13
C LEU A 267 13.79 14.44 21.42
N PHE A 268 12.66 14.76 22.10
CA PHE A 268 11.67 15.68 21.52
C PHE A 268 12.31 17.03 21.16
N LEU A 269 13.15 17.59 22.06
CA LEU A 269 13.82 18.89 21.84
C LEU A 269 14.85 18.80 20.78
N LYS A 270 15.54 17.65 20.67
CA LYS A 270 16.52 17.41 19.61
C LYS A 270 15.79 17.42 18.26
N ILE A 271 14.64 16.75 18.17
CA ILE A 271 13.80 16.71 16.96
C ILE A 271 13.37 18.13 16.59
N MET A 272 12.94 18.92 17.59
CA MET A 272 12.51 20.31 17.34
C MET A 272 13.64 21.20 16.85
N ALA A 273 14.89 20.93 17.29
CA ALA A 273 16.05 21.68 16.83
C ALA A 273 16.34 21.28 15.39
N MET A 274 16.23 19.98 15.06
CA MET A 274 16.41 19.48 13.69
C MET A 274 15.43 20.15 12.72
N LEU A 275 14.18 20.38 13.15
CA LEU A 275 13.16 21.06 12.36
C LEU A 275 13.48 22.54 12.13
N THR A 276 14.07 23.21 13.15
CA THR A 276 14.46 24.60 13.07
C THR A 276 15.60 24.75 12.06
N GLU A 277 16.58 23.85 12.14
CA GLU A 277 17.69 23.78 11.21
C GLU A 277 17.19 23.48 9.77
N LEU A 278 16.17 22.60 9.64
CA LEU A 278 15.57 22.23 8.34
C LEU A 278 14.90 23.44 7.65
N ARG A 279 14.27 24.32 8.45
CA ARG A 279 13.63 25.55 7.98
C ARG A 279 14.64 26.55 7.41
N SER A 280 15.82 26.66 8.05
CA SER A 280 16.88 27.56 7.59
C SER A 280 17.52 26.94 6.35
N ILE A 281 17.65 25.61 6.31
CA ILE A 281 18.17 24.89 5.14
C ILE A 281 17.23 25.11 3.93
N ASN A 282 15.92 25.17 4.19
CA ASN A 282 14.88 25.38 3.21
C ASN A 282 14.95 26.78 2.57
N ALA A 283 15.09 27.83 3.40
CA ALA A 283 15.19 29.23 2.93
C ALA A 283 16.42 29.38 2.05
N GLN A 284 17.56 28.82 2.49
CA GLN A 284 18.83 28.83 1.75
C GLN A 284 18.69 28.08 0.41
N HIS A 285 18.14 26.84 0.44
CA HIS A 285 17.94 26.02 -0.75
C HIS A 285 17.08 26.71 -1.84
N THR A 286 16.02 27.43 -1.44
CA THR A 286 15.18 28.19 -2.37
C THR A 286 16.04 29.25 -3.12
N GLN A 287 16.84 30.05 -2.38
CA GLN A 287 17.74 31.07 -2.95
C GLN A 287 18.74 30.43 -3.90
N ARG A 288 19.28 29.27 -3.49
CA ARG A 288 20.26 28.49 -4.26
C ARG A 288 19.65 28.04 -5.60
N LEU A 289 18.50 27.37 -5.56
CA LEU A 289 17.78 26.87 -6.73
C LEU A 289 17.44 28.04 -7.70
N LEU A 290 16.96 29.18 -7.15
CA LEU A 290 16.61 30.37 -7.96
C LEU A 290 17.82 30.95 -8.71
N ARG A 291 19.00 30.97 -8.05
CA ARG A 291 20.26 31.44 -8.66
C ARG A 291 20.64 30.56 -9.84
N ILE A 292 20.52 29.21 -9.67
CA ILE A 292 20.85 28.20 -10.68
C ILE A 292 19.88 28.37 -11.86
N GLN A 293 18.58 28.43 -11.56
CA GLN A 293 17.50 28.60 -12.53
C GLN A 293 17.75 29.82 -13.43
N ASP A 294 18.15 30.94 -12.80
CA ASP A 294 18.44 32.23 -13.45
C ASP A 294 19.42 32.08 -14.60
N ILE A 295 20.55 31.43 -14.35
CA ILE A 295 21.58 31.26 -15.39
C ILE A 295 21.43 29.98 -16.23
N HIS A 296 20.77 28.94 -15.69
CA HIS A 296 20.59 27.66 -16.40
C HIS A 296 19.21 27.05 -16.10
N PRO A 297 18.13 27.51 -16.80
CA PRO A 297 16.81 26.97 -16.51
C PRO A 297 16.76 25.44 -16.60
N PHE A 298 16.23 24.81 -15.53
CA PHE A 298 16.19 23.36 -15.41
C PHE A 298 14.92 22.84 -14.72
N ALA A 299 14.32 23.66 -13.85
CA ALA A 299 13.14 23.28 -13.08
C ALA A 299 11.92 22.91 -13.93
N THR A 300 11.23 21.83 -13.52
CA THR A 300 10.03 21.33 -14.19
C THR A 300 8.87 22.32 -13.89
N PRO A 301 7.74 22.25 -14.64
CA PRO A 301 6.59 23.13 -14.33
C PRO A 301 6.12 23.06 -12.86
N LEU A 302 6.05 21.86 -12.24
CA LEU A 302 5.64 21.76 -10.83
C LEU A 302 6.63 22.48 -9.89
N MET A 303 7.93 22.33 -10.17
CA MET A 303 8.99 22.98 -9.39
C MET A 303 8.88 24.49 -9.53
N GLN A 304 8.62 24.96 -10.76
CA GLN A 304 8.43 26.39 -11.08
C GLN A 304 7.31 26.98 -10.19
N GLU A 305 6.18 26.26 -10.05
CA GLU A 305 5.06 26.67 -9.19
C GLU A 305 5.45 26.65 -7.71
N LEU A 306 6.10 25.57 -7.22
CA LEU A 306 6.53 25.44 -5.83
C LEU A 306 7.55 26.46 -5.37
N PHE A 307 8.52 26.84 -6.23
CA PHE A 307 9.62 27.76 -5.89
C PHE A 307 9.46 29.24 -6.27
N GLY A 308 8.37 29.58 -6.97
CA GLY A 308 8.07 30.94 -7.41
C GLY A 308 8.78 31.39 -8.68
N ILE A 309 9.01 30.45 -9.61
CA ILE A 309 9.64 30.76 -10.91
C ILE A 309 8.51 31.11 -11.90
N THR A 310 8.67 32.22 -12.65
CA THR A 310 7.70 32.72 -13.64
C THR A 310 7.55 31.77 -14.83
N SER A 323 -5.62 35.08 -6.98
CA SER A 323 -4.66 34.74 -8.03
C SER A 323 -3.69 33.63 -7.62
N LEU A 324 -3.74 33.20 -6.33
CA LEU A 324 -2.91 32.11 -5.80
C LEU A 324 -3.21 30.80 -6.56
N THR A 325 -4.48 30.53 -6.88
CA THR A 325 -4.86 29.35 -7.67
C THR A 325 -4.39 29.52 -9.13
N GLU A 326 -4.49 30.75 -9.68
CA GLU A 326 -4.09 31.09 -11.04
C GLU A 326 -2.56 31.08 -11.24
N ARG A 327 -1.79 31.31 -10.17
CA ARG A 327 -0.33 31.29 -10.23
C ARG A 327 0.24 29.90 -9.86
N HIS A 328 -0.65 28.94 -9.54
CA HIS A 328 -0.30 27.57 -9.14
C HIS A 328 -1.28 26.54 -9.73
N LYS A 329 -1.43 26.54 -11.07
CA LYS A 329 -2.38 25.68 -11.78
C LYS A 329 -2.18 24.16 -11.63
N ILE A 330 -0.93 23.67 -11.70
CA ILE A 330 -0.65 22.23 -11.54
C ILE A 330 -0.99 21.76 -10.10
N LEU A 331 -0.55 22.55 -9.08
CA LEU A 331 -0.83 22.29 -7.67
C LEU A 331 -2.31 22.20 -7.41
N HIS A 332 -3.10 23.19 -7.92
CA HIS A 332 -4.55 23.20 -7.77
C HIS A 332 -5.17 21.93 -8.37
N ARG A 333 -4.73 21.55 -9.58
CA ARG A 333 -5.20 20.32 -10.23
C ARG A 333 -4.87 19.10 -9.35
N LEU A 334 -3.62 18.99 -8.87
CA LEU A 334 -3.16 17.87 -8.05
C LEU A 334 -3.93 17.73 -6.73
N LEU A 335 -4.39 18.85 -6.15
CA LEU A 335 -5.19 18.91 -4.92
C LEU A 335 -6.69 18.66 -5.15
N GLN A 336 -7.17 18.88 -6.40
CA GLN A 336 -8.57 18.69 -6.81
C GLN A 336 -8.87 17.26 -7.27
N GLU A 337 -7.82 16.49 -7.65
CA GLU A 337 -7.90 15.09 -8.09
C GLU A 337 -8.41 14.17 -6.98
N GLY B 20 11.49 -10.41 21.08
CA GLY B 20 10.74 -10.75 19.88
C GLY B 20 9.25 -10.86 20.12
N LEU B 21 8.63 -11.99 19.70
CA LEU B 21 7.20 -12.26 19.88
C LEU B 21 6.99 -12.92 21.24
N THR B 22 5.84 -12.64 21.90
CA THR B 22 5.51 -13.24 23.21
C THR B 22 5.20 -14.75 23.03
N GLU B 23 5.15 -15.51 24.15
CA GLU B 23 4.82 -16.94 24.08
C GLU B 23 3.37 -17.14 23.63
N GLU B 24 2.45 -16.27 24.10
CA GLU B 24 1.03 -16.30 23.75
C GLU B 24 0.84 -16.00 22.26
N GLN B 25 1.74 -15.17 21.70
CA GLN B 25 1.71 -14.79 20.30
C GLN B 25 2.22 -15.94 19.44
N ARG B 26 3.31 -16.60 19.87
CA ARG B 26 3.93 -17.75 19.20
C ARG B 26 2.96 -18.92 19.16
N MET B 27 2.12 -19.05 20.20
CA MET B 27 1.10 -20.10 20.30
C MET B 27 -0.06 -19.81 19.37
N MET B 28 -0.45 -18.52 19.27
CA MET B 28 -1.53 -18.06 18.40
C MET B 28 -1.18 -18.41 16.93
N ILE B 29 0.04 -18.03 16.47
CA ILE B 29 0.53 -18.31 15.12
C ILE B 29 0.56 -19.84 14.86
N ARG B 30 1.14 -20.61 15.79
CA ARG B 30 1.19 -22.09 15.74
C ARG B 30 -0.20 -22.72 15.54
N GLU B 31 -1.20 -22.30 16.35
CA GLU B 31 -2.57 -22.79 16.30
C GLU B 31 -3.23 -22.50 14.95
N LEU B 32 -3.07 -21.24 14.42
CA LEU B 32 -3.66 -20.82 13.13
C LEU B 32 -2.99 -21.57 11.98
N MET B 33 -1.66 -21.74 12.10
CA MET B 33 -0.89 -22.45 11.09
C MET B 33 -1.26 -23.90 11.00
N ASP B 34 -1.40 -24.55 12.16
CA ASP B 34 -1.82 -25.94 12.31
C ASP B 34 -3.23 -26.11 11.68
N ALA B 35 -4.18 -25.19 12.00
CA ALA B 35 -5.55 -25.16 11.45
C ALA B 35 -5.53 -25.01 9.91
N GLN B 36 -4.67 -24.10 9.38
CA GLN B 36 -4.50 -23.89 7.94
C GLN B 36 -4.07 -25.21 7.30
N MET B 37 -2.96 -25.84 7.79
CA MET B 37 -2.51 -27.11 7.21
C MET B 37 -3.53 -28.23 7.28
N LYS B 38 -4.30 -28.28 8.36
CA LYS B 38 -5.32 -29.33 8.50
C LYS B 38 -6.54 -29.17 7.60
N THR B 39 -6.82 -27.94 7.16
CA THR B 39 -8.05 -27.62 6.43
C THR B 39 -7.86 -27.04 5.04
N PHE B 40 -6.62 -26.70 4.66
CA PHE B 40 -6.36 -26.21 3.32
C PHE B 40 -5.64 -27.30 2.50
N ASP B 41 -6.36 -27.95 1.60
CA ASP B 41 -5.78 -28.95 0.73
C ASP B 41 -5.29 -28.21 -0.50
N THR B 42 -4.02 -27.85 -0.49
CA THR B 42 -3.35 -27.03 -1.50
C THR B 42 -3.13 -27.74 -2.81
N THR B 43 -3.19 -29.08 -2.81
CA THR B 43 -3.05 -29.89 -4.01
C THR B 43 -4.44 -30.21 -4.59
N PHE B 44 -5.54 -29.84 -3.88
CA PHE B 44 -6.94 -30.04 -4.28
C PHE B 44 -7.25 -31.53 -4.61
N SER B 45 -6.54 -32.45 -3.93
CA SER B 45 -6.65 -33.92 -4.09
C SER B 45 -8.07 -34.41 -3.88
N HIS B 46 -8.78 -33.81 -2.93
CA HIS B 46 -10.13 -34.22 -2.60
C HIS B 46 -11.23 -33.44 -3.34
N PHE B 47 -10.86 -32.62 -4.36
CA PHE B 47 -11.86 -31.92 -5.16
C PHE B 47 -12.27 -32.87 -6.29
N LYS B 48 -13.37 -33.58 -6.08
CA LYS B 48 -13.87 -34.60 -7.01
C LYS B 48 -15.37 -34.48 -7.25
N ASN B 49 -15.86 -35.13 -8.31
CA ASN B 49 -17.28 -35.18 -8.69
C ASN B 49 -17.93 -33.81 -8.96
N PHE B 50 -17.14 -32.88 -9.54
CA PHE B 50 -17.59 -31.55 -9.93
C PHE B 50 -18.14 -31.58 -11.36
N ARG B 51 -19.08 -30.66 -11.66
CA ARG B 51 -19.65 -30.54 -12.99
C ARG B 51 -18.63 -29.85 -13.90
N LEU B 52 -18.69 -30.14 -15.20
CA LEU B 52 -17.81 -29.57 -16.21
C LEU B 52 -18.63 -29.03 -17.38
N PRO B 53 -18.13 -28.03 -18.17
CA PRO B 53 -18.95 -27.57 -19.30
C PRO B 53 -19.10 -28.68 -20.34
N GLY B 54 -20.29 -28.78 -20.94
CA GLY B 54 -20.66 -29.79 -21.94
C GLY B 54 -19.68 -29.98 -23.08
N VAL B 55 -19.75 -31.15 -23.73
CA VAL B 55 -18.85 -31.49 -24.83
C VAL B 55 -19.14 -30.72 -26.13
N LEU B 56 -20.38 -30.81 -26.65
CA LEU B 56 -20.74 -30.11 -27.90
C LEU B 56 -22.01 -29.30 -27.76
N SER B 70 -36.33 -8.17 -24.59
CA SER B 70 -37.37 -7.39 -23.93
C SER B 70 -36.89 -5.95 -23.58
N ARG B 71 -37.54 -5.29 -22.60
CA ARG B 71 -37.19 -3.94 -22.11
C ARG B 71 -37.00 -4.00 -20.59
N GLU B 72 -35.95 -3.30 -20.07
CA GLU B 72 -35.52 -3.23 -18.66
C GLU B 72 -34.78 -4.50 -18.21
N GLU B 73 -35.31 -5.70 -18.58
CA GLU B 73 -34.70 -7.00 -18.31
C GLU B 73 -33.45 -7.16 -19.21
N ALA B 74 -33.40 -6.40 -20.31
CA ALA B 74 -32.27 -6.36 -21.24
C ALA B 74 -31.10 -5.59 -20.64
N ALA B 75 -31.38 -4.67 -19.69
CA ALA B 75 -30.36 -3.89 -18.99
C ALA B 75 -29.71 -4.75 -17.90
N LYS B 76 -30.50 -5.70 -17.33
CA LYS B 76 -30.03 -6.67 -16.33
C LYS B 76 -29.02 -7.59 -17.04
N TRP B 77 -29.38 -8.04 -18.26
CA TRP B 77 -28.56 -8.88 -19.13
C TRP B 77 -27.29 -8.17 -19.57
N SER B 78 -27.37 -6.85 -19.77
CA SER B 78 -26.23 -6.01 -20.14
C SER B 78 -25.20 -5.99 -19.02
N GLN B 79 -25.66 -5.87 -17.75
CA GLN B 79 -24.80 -5.85 -16.56
C GLN B 79 -24.21 -7.23 -16.29
N VAL B 80 -25.02 -8.30 -16.40
CA VAL B 80 -24.59 -9.69 -16.19
C VAL B 80 -23.44 -10.07 -17.16
N ARG B 81 -23.48 -9.58 -18.42
CA ARG B 81 -22.41 -9.81 -19.40
C ARG B 81 -21.14 -9.10 -18.94
N LYS B 82 -21.26 -7.88 -18.35
CA LYS B 82 -20.12 -7.13 -17.83
C LYS B 82 -19.54 -7.86 -16.60
N ASP B 83 -20.43 -8.35 -15.71
CA ASP B 83 -20.09 -9.11 -14.51
C ASP B 83 -19.29 -10.39 -14.81
N LEU B 84 -19.70 -11.15 -15.85
CA LEU B 84 -19.10 -12.43 -16.23
C LEU B 84 -17.85 -12.35 -17.09
N CYS B 85 -17.87 -11.57 -18.18
CA CYS B 85 -16.73 -11.48 -19.11
C CYS B 85 -15.43 -10.94 -18.50
N SER B 86 -15.53 -10.10 -17.44
CA SER B 86 -14.33 -9.58 -16.77
C SER B 86 -13.63 -10.68 -15.95
N LEU B 87 -14.40 -11.69 -15.48
CA LEU B 87 -13.93 -12.83 -14.69
C LEU B 87 -13.72 -14.10 -15.54
N LYS B 88 -13.68 -13.95 -16.90
CA LYS B 88 -13.53 -15.05 -17.86
C LYS B 88 -12.19 -15.77 -17.78
N VAL B 89 -12.27 -17.10 -17.64
CA VAL B 89 -11.12 -18.02 -17.54
C VAL B 89 -11.26 -19.23 -18.45
N SER B 90 -10.12 -19.83 -18.81
CA SER B 90 -10.05 -21.11 -19.48
C SER B 90 -9.65 -22.17 -18.39
N LEU B 91 -10.08 -23.43 -18.56
CA LEU B 91 -9.86 -24.50 -17.59
C LEU B 91 -8.94 -25.54 -18.16
N GLN B 92 -7.91 -25.91 -17.38
CA GLN B 92 -7.01 -27.02 -17.72
C GLN B 92 -7.10 -28.10 -16.60
N LEU B 93 -7.17 -29.38 -16.99
CA LEU B 93 -7.23 -30.53 -16.11
C LEU B 93 -6.17 -31.52 -16.53
N ARG B 94 -5.13 -31.67 -15.71
CA ARG B 94 -4.02 -32.59 -15.95
C ARG B 94 -4.36 -33.91 -15.25
N GLY B 95 -4.38 -35.02 -15.99
CA GLY B 95 -4.66 -36.32 -15.42
C GLY B 95 -3.42 -36.88 -14.76
N GLU B 96 -3.60 -37.74 -13.72
CA GLU B 96 -2.50 -38.43 -13.02
C GLU B 96 -1.63 -39.22 -14.03
N ASP B 97 -2.29 -39.76 -15.08
CA ASP B 97 -1.68 -40.51 -16.19
C ASP B 97 -0.75 -39.70 -17.11
N GLY B 98 -0.83 -38.37 -17.07
CA GLY B 98 -0.02 -37.47 -17.92
C GLY B 98 -0.81 -36.74 -19.00
N SER B 99 -2.08 -37.13 -19.21
CA SER B 99 -2.99 -36.55 -20.21
C SER B 99 -3.46 -35.16 -19.79
N VAL B 100 -3.85 -34.33 -20.75
CA VAL B 100 -4.33 -32.97 -20.46
C VAL B 100 -5.62 -32.62 -21.23
N TRP B 101 -6.70 -32.30 -20.49
CA TRP B 101 -7.95 -31.77 -21.05
C TRP B 101 -7.91 -30.23 -20.87
N ASN B 102 -8.14 -29.47 -21.94
CA ASN B 102 -8.19 -28.00 -21.94
C ASN B 102 -9.55 -27.54 -22.41
N TYR B 103 -10.16 -26.60 -21.68
CA TYR B 103 -11.44 -26.00 -22.02
C TYR B 103 -11.28 -24.50 -22.25
N LYS B 104 -11.59 -24.04 -23.46
CA LYS B 104 -11.54 -22.62 -23.81
C LYS B 104 -13.01 -22.18 -23.92
N PRO B 105 -13.44 -21.17 -23.14
CA PRO B 105 -14.85 -20.78 -23.20
C PRO B 105 -15.25 -20.11 -24.52
N PRO B 106 -16.57 -20.05 -24.87
CA PRO B 106 -16.96 -19.34 -26.08
C PRO B 106 -16.85 -17.81 -25.93
N ALA B 107 -16.56 -17.10 -27.03
CA ALA B 107 -16.55 -15.63 -27.09
C ALA B 107 -17.99 -15.12 -26.91
N ASP B 108 -18.18 -13.92 -26.32
CA ASP B 108 -19.53 -13.40 -26.11
C ASP B 108 -20.27 -13.11 -27.46
N SER B 109 -21.29 -13.93 -27.75
CA SER B 109 -22.13 -13.85 -28.95
C SER B 109 -23.54 -14.38 -28.61
N GLY B 110 -24.28 -13.59 -27.83
CA GLY B 110 -25.63 -13.92 -27.39
C GLY B 110 -25.73 -14.18 -25.89
N GLY B 111 -26.64 -15.08 -25.54
CA GLY B 111 -26.96 -15.44 -24.16
C GLY B 111 -26.25 -16.66 -23.60
N LYS B 112 -27.06 -17.67 -23.18
CA LYS B 112 -26.71 -18.96 -22.54
C LYS B 112 -25.24 -19.45 -22.49
N GLU B 113 -24.44 -19.23 -23.56
CA GLU B 113 -23.05 -19.67 -23.67
C GLU B 113 -22.10 -19.10 -22.58
N ILE B 114 -22.33 -17.82 -22.20
CA ILE B 114 -21.58 -17.06 -21.18
C ILE B 114 -21.60 -17.68 -19.75
N PHE B 115 -22.53 -18.65 -19.50
CA PHE B 115 -22.71 -19.32 -18.22
C PHE B 115 -22.16 -20.75 -18.21
N SER B 116 -21.35 -21.12 -19.21
CA SER B 116 -20.85 -22.48 -19.35
C SER B 116 -20.03 -22.99 -18.16
N LEU B 117 -19.16 -22.14 -17.58
CA LEU B 117 -18.32 -22.51 -16.42
C LEU B 117 -18.96 -22.35 -15.04
N LEU B 118 -20.15 -21.75 -14.96
CA LEU B 118 -20.82 -21.53 -13.67
C LEU B 118 -21.07 -22.76 -12.79
N PRO B 119 -21.63 -23.90 -13.28
CA PRO B 119 -21.78 -25.07 -12.38
C PRO B 119 -20.43 -25.52 -11.81
N HIS B 120 -19.36 -25.55 -12.64
CA HIS B 120 -18.01 -25.93 -12.22
C HIS B 120 -17.53 -24.95 -11.16
N MET B 121 -17.68 -23.62 -11.44
CA MET B 121 -17.29 -22.52 -10.56
C MET B 121 -18.00 -22.58 -9.23
N ALA B 122 -19.30 -22.96 -9.24
CA ALA B 122 -20.07 -23.11 -8.02
C ALA B 122 -19.53 -24.28 -7.20
N ASP B 123 -19.14 -25.40 -7.87
CA ASP B 123 -18.58 -26.59 -7.21
C ASP B 123 -17.21 -26.30 -6.55
N MET B 124 -16.30 -25.59 -7.26
CA MET B 124 -14.99 -25.21 -6.73
C MET B 124 -15.19 -24.29 -5.50
N SER B 125 -16.10 -23.29 -5.63
CA SER B 125 -16.44 -22.33 -4.57
C SER B 125 -16.92 -23.05 -3.33
N THR B 126 -17.83 -24.02 -3.54
CA THR B 126 -18.40 -24.87 -2.49
C THR B 126 -17.31 -25.68 -1.79
N TYR B 127 -16.43 -26.36 -2.57
CA TYR B 127 -15.32 -27.09 -1.96
C TYR B 127 -14.43 -26.15 -1.11
N MET B 128 -14.17 -24.91 -1.60
CA MET B 128 -13.33 -23.94 -0.90
C MET B 128 -13.99 -23.46 0.35
N PHE B 129 -15.32 -23.12 0.29
CA PHE B 129 -16.13 -22.69 1.44
C PHE B 129 -16.13 -23.74 2.53
N LYS B 130 -16.24 -25.03 2.15
CA LYS B 130 -16.17 -26.16 3.10
C LYS B 130 -14.83 -26.24 3.83
N GLY B 131 -13.72 -25.96 3.13
CA GLY B 131 -12.39 -25.91 3.75
C GLY B 131 -12.29 -24.77 4.75
N ILE B 132 -12.89 -23.61 4.42
CA ILE B 132 -12.93 -22.39 5.25
C ILE B 132 -13.75 -22.65 6.52
N ILE B 133 -14.89 -23.38 6.40
CA ILE B 133 -15.76 -23.74 7.52
C ILE B 133 -14.93 -24.62 8.47
N SER B 134 -14.19 -25.61 7.90
CA SER B 134 -13.33 -26.51 8.68
C SER B 134 -12.23 -25.72 9.42
N PHE B 135 -11.62 -24.73 8.73
CA PHE B 135 -10.59 -23.86 9.31
C PHE B 135 -11.13 -23.17 10.55
N ALA B 136 -12.29 -22.50 10.44
CA ALA B 136 -12.92 -21.78 11.56
C ALA B 136 -13.22 -22.75 12.72
N LYS B 137 -13.82 -23.92 12.40
CA LYS B 137 -14.15 -25.01 13.34
C LYS B 137 -12.99 -25.49 14.19
N VAL B 138 -11.79 -25.65 13.62
CA VAL B 138 -10.65 -26.09 14.43
C VAL B 138 -10.07 -25.00 15.38
N ILE B 139 -10.38 -23.72 15.13
CA ILE B 139 -9.85 -22.64 15.98
C ILE B 139 -10.69 -22.51 17.28
N SER B 140 -10.01 -22.72 18.44
CA SER B 140 -10.56 -22.63 19.80
C SER B 140 -11.34 -21.33 20.01
N TYR B 141 -10.77 -20.15 19.60
CA TYR B 141 -11.43 -18.83 19.73
C TYR B 141 -12.77 -18.70 18.98
N PHE B 142 -12.98 -19.51 17.93
CA PHE B 142 -14.21 -19.54 17.11
C PHE B 142 -15.18 -20.59 17.66
N ARG B 143 -14.63 -21.75 18.04
CA ARG B 143 -15.34 -22.90 18.62
C ARG B 143 -16.13 -22.48 19.88
N ASP B 144 -15.53 -21.62 20.71
CA ASP B 144 -16.09 -21.12 21.97
C ASP B 144 -17.10 -19.98 21.81
N LEU B 145 -17.56 -19.71 20.58
CA LEU B 145 -18.54 -18.64 20.34
C LEU B 145 -19.91 -19.28 20.23
N PRO B 146 -21.03 -18.57 20.50
CA PRO B 146 -22.35 -19.18 20.30
C PRO B 146 -22.60 -19.48 18.80
N ILE B 147 -23.22 -20.63 18.51
CA ILE B 147 -23.52 -21.14 17.16
C ILE B 147 -24.03 -20.10 16.15
N GLU B 148 -24.89 -19.16 16.59
CA GLU B 148 -25.46 -18.10 15.75
C GLU B 148 -24.37 -17.14 15.29
N ASP B 149 -23.46 -16.82 16.21
CA ASP B 149 -22.33 -15.95 15.90
C ASP B 149 -21.28 -16.62 15.02
N GLN B 150 -21.19 -17.97 15.08
CA GLN B 150 -20.34 -18.79 14.24
C GLN B 150 -20.89 -18.72 12.81
N ILE B 151 -22.23 -18.82 12.67
CA ILE B 151 -22.95 -18.73 11.38
C ILE B 151 -22.72 -17.34 10.75
N SER B 152 -22.91 -16.26 11.56
CA SER B 152 -22.76 -14.86 11.11
C SER B 152 -21.33 -14.49 10.71
N LEU B 153 -20.31 -15.00 11.43
CA LEU B 153 -18.90 -14.73 11.06
C LEU B 153 -18.55 -15.46 9.74
N LEU B 154 -19.03 -16.71 9.60
CA LEU B 154 -18.82 -17.51 8.40
C LEU B 154 -19.53 -16.93 7.17
N LYS B 155 -20.79 -16.51 7.33
CA LYS B 155 -21.60 -15.84 6.30
C LYS B 155 -20.86 -14.59 5.83
N GLY B 156 -20.36 -13.81 6.78
CA GLY B 156 -19.67 -12.56 6.49
C GLY B 156 -18.28 -12.67 5.88
N ALA B 157 -17.51 -13.72 6.20
CA ALA B 157 -16.13 -13.88 5.74
C ALA B 157 -15.78 -14.95 4.73
N ALA B 158 -16.69 -15.90 4.43
CA ALA B 158 -16.39 -17.01 3.51
C ALA B 158 -15.67 -16.65 2.23
N PHE B 159 -16.22 -15.70 1.46
CA PHE B 159 -15.65 -15.26 0.18
C PHE B 159 -14.24 -14.66 0.39
N GLU B 160 -14.08 -13.86 1.44
CA GLU B 160 -12.84 -13.21 1.82
C GLU B 160 -11.75 -14.21 2.12
N LEU B 161 -12.05 -15.24 2.93
CA LEU B 161 -11.07 -16.29 3.28
C LEU B 161 -10.75 -17.10 2.05
N CYS B 162 -11.76 -17.33 1.17
CA CYS B 162 -11.58 -18.01 -0.11
CA CYS B 162 -11.53 -18.04 -0.08
C CYS B 162 -10.60 -17.24 -0.99
N GLN B 163 -10.79 -15.91 -1.11
CA GLN B 163 -9.87 -15.13 -1.95
C GLN B 163 -8.44 -15.16 -1.42
N LEU B 164 -8.28 -15.13 -0.07
CA LEU B 164 -6.97 -15.18 0.58
C LEU B 164 -6.27 -16.50 0.29
N ARG B 165 -7.01 -17.62 0.42
CA ARG B 165 -6.48 -18.94 0.11
C ARG B 165 -6.15 -19.07 -1.37
N PHE B 166 -7.04 -18.55 -2.26
CA PHE B 166 -6.80 -18.61 -3.72
C PHE B 166 -5.56 -17.78 -4.11
N ASN B 167 -5.34 -16.67 -3.37
CA ASN B 167 -4.18 -15.85 -3.69
C ASN B 167 -2.87 -16.58 -3.53
N THR B 168 -2.79 -17.54 -2.58
CA THR B 168 -1.58 -18.34 -2.31
C THR B 168 -1.23 -19.31 -3.47
N VAL B 169 -2.22 -19.65 -4.31
CA VAL B 169 -2.03 -20.55 -5.46
C VAL B 169 -2.08 -19.75 -6.78
N PHE B 170 -2.14 -18.38 -6.68
CA PHE B 170 -2.15 -17.51 -7.85
C PHE B 170 -0.75 -17.33 -8.38
N ASN B 171 -0.59 -17.54 -9.70
CA ASN B 171 0.67 -17.32 -10.42
C ASN B 171 0.46 -16.00 -11.18
N ALA B 172 1.05 -14.92 -10.68
CA ALA B 172 0.91 -13.59 -11.24
C ALA B 172 1.63 -13.41 -12.59
N GLU B 173 2.61 -14.26 -12.90
CA GLU B 173 3.32 -14.20 -14.20
C GLU B 173 2.43 -14.73 -15.36
N THR B 174 1.66 -15.80 -15.10
CA THR B 174 0.79 -16.44 -16.07
C THR B 174 -0.68 -16.07 -15.92
N GLY B 175 -1.05 -15.33 -14.86
CA GLY B 175 -2.45 -14.97 -14.62
C GLY B 175 -3.27 -16.22 -14.40
N THR B 176 -2.71 -17.17 -13.66
CA THR B 176 -3.32 -18.47 -13.41
C THR B 176 -3.35 -18.90 -11.93
N TRP B 177 -4.50 -19.37 -11.45
CA TRP B 177 -4.70 -20.00 -10.15
C TRP B 177 -4.36 -21.47 -10.39
N GLU B 178 -3.33 -21.96 -9.68
CA GLU B 178 -2.82 -23.32 -9.85
C GLU B 178 -3.30 -24.22 -8.71
N CYS B 179 -4.44 -24.91 -8.97
CA CYS B 179 -5.16 -25.75 -8.04
C CYS B 179 -4.89 -27.24 -8.23
N GLY B 180 -3.65 -27.63 -8.01
CA GLY B 180 -3.26 -29.04 -8.14
C GLY B 180 -3.29 -29.42 -9.60
N ARG B 181 -4.14 -30.42 -9.95
CA ARG B 181 -4.32 -30.90 -11.33
C ARG B 181 -5.24 -29.97 -12.17
N LEU B 182 -5.96 -29.04 -11.50
CA LEU B 182 -6.83 -28.04 -12.11
C LEU B 182 -6.10 -26.69 -12.16
N SER B 183 -6.27 -25.93 -13.27
CA SER B 183 -5.71 -24.60 -13.52
C SER B 183 -6.80 -23.73 -14.11
N TYR B 184 -6.88 -22.50 -13.61
CA TYR B 184 -7.82 -21.48 -14.07
C TYR B 184 -7.01 -20.33 -14.64
N CYS B 185 -7.07 -20.14 -15.96
CA CYS B 185 -6.28 -19.16 -16.67
C CYS B 185 -7.07 -17.99 -17.20
N LEU B 186 -6.69 -16.80 -16.76
CA LEU B 186 -7.28 -15.52 -17.17
C LEU B 186 -7.20 -15.38 -18.70
N GLU B 187 -8.36 -15.11 -19.34
CA GLU B 187 -8.48 -14.97 -20.79
C GLU B 187 -7.82 -13.68 -21.26
N ASP B 188 -6.84 -13.79 -22.17
CA ASP B 188 -6.10 -12.64 -22.72
C ASP B 188 -6.97 -11.84 -23.69
N THR B 189 -7.02 -10.51 -23.45
CA THR B 189 -7.80 -9.55 -24.23
C THR B 189 -6.92 -8.47 -24.90
N ALA B 190 -7.52 -7.69 -25.81
CA ALA B 190 -6.86 -6.61 -26.55
C ALA B 190 -6.59 -5.38 -25.66
N GLY B 191 -7.32 -5.26 -24.55
CA GLY B 191 -7.20 -4.16 -23.60
C GLY B 191 -5.95 -4.18 -22.75
N GLY B 192 -5.51 -5.37 -22.36
CA GLY B 192 -4.32 -5.55 -21.52
C GLY B 192 -4.34 -6.83 -20.70
N PHE B 193 -3.71 -6.88 -19.49
CA PHE B 193 -2.99 -5.85 -18.71
C PHE B 193 -3.85 -4.74 -18.09
N GLN B 194 -3.94 -3.56 -18.75
CA GLN B 194 -4.72 -2.40 -18.29
C GLN B 194 -6.22 -2.73 -18.10
N GLN B 195 -6.79 -3.53 -19.01
CA GLN B 195 -8.20 -3.96 -18.96
C GLN B 195 -8.48 -4.92 -17.79
N LEU B 196 -7.56 -5.89 -17.53
CA LEU B 196 -7.71 -6.87 -16.46
C LEU B 196 -7.67 -6.18 -15.09
N LEU B 197 -6.78 -5.17 -14.94
CA LEU B 197 -6.62 -4.38 -13.72
C LEU B 197 -7.82 -3.45 -13.45
N LEU B 198 -8.73 -3.30 -14.42
CA LEU B 198 -9.94 -2.50 -14.25
C LEU B 198 -10.96 -3.29 -13.40
N GLU B 199 -10.77 -4.62 -13.29
CA GLU B 199 -11.59 -5.50 -12.47
C GLU B 199 -10.98 -5.56 -11.05
N PRO B 200 -11.62 -4.98 -10.00
CA PRO B 200 -11.04 -4.99 -8.65
C PRO B 200 -10.69 -6.36 -8.08
N MET B 201 -11.47 -7.40 -8.42
CA MET B 201 -11.23 -8.77 -8.00
C MET B 201 -9.91 -9.29 -8.53
N LEU B 202 -9.57 -8.95 -9.79
CA LEU B 202 -8.30 -9.33 -10.42
C LEU B 202 -7.15 -8.49 -9.91
N LYS B 203 -7.36 -7.17 -9.77
CA LYS B 203 -6.36 -6.22 -9.27
C LYS B 203 -5.95 -6.58 -7.84
N PHE B 204 -6.92 -7.01 -7.01
CA PHE B 204 -6.65 -7.48 -5.65
C PHE B 204 -5.62 -8.61 -5.69
N HIS B 205 -5.83 -9.61 -6.56
CA HIS B 205 -4.91 -10.74 -6.62
C HIS B 205 -3.48 -10.35 -7.01
N TYR B 206 -3.34 -9.41 -7.98
CA TYR B 206 -2.00 -8.95 -8.37
C TYR B 206 -1.39 -8.09 -7.28
N MET B 207 -2.17 -7.19 -6.67
CA MET B 207 -1.70 -6.30 -5.61
C MET B 207 -1.32 -7.07 -4.36
N LEU B 208 -2.12 -8.09 -3.97
CA LEU B 208 -1.78 -8.91 -2.81
C LEU B 208 -0.55 -9.78 -3.07
N LYS B 209 -0.45 -10.37 -4.27
CA LYS B 209 0.69 -11.24 -4.61
C LYS B 209 2.02 -10.48 -4.59
N LYS B 210 2.01 -9.20 -5.03
CA LYS B 210 3.19 -8.32 -5.09
C LYS B 210 3.84 -8.17 -3.71
N LEU B 211 3.02 -8.25 -2.63
CA LEU B 211 3.48 -8.14 -1.25
C LEU B 211 4.37 -9.29 -0.79
N GLN B 212 4.36 -10.45 -1.51
CA GLN B 212 5.18 -11.64 -1.21
C GLN B 212 5.07 -12.08 0.25
N LEU B 213 3.82 -12.18 0.73
CA LEU B 213 3.53 -12.56 2.11
C LEU B 213 3.93 -13.99 2.44
N HIS B 214 4.28 -14.22 3.72
CA HIS B 214 4.59 -15.51 4.33
C HIS B 214 3.25 -16.20 4.64
N GLU B 215 3.27 -17.54 4.85
CA GLU B 215 2.09 -18.33 5.24
C GLU B 215 1.42 -17.74 6.51
N GLU B 216 2.24 -17.34 7.50
CA GLU B 216 1.85 -16.74 8.78
C GLU B 216 1.09 -15.45 8.55
N GLU B 217 1.55 -14.63 7.60
CA GLU B 217 0.86 -13.38 7.28
C GLU B 217 -0.49 -13.61 6.62
N TYR B 218 -0.60 -14.58 5.68
CA TYR B 218 -1.90 -14.93 5.08
C TYR B 218 -2.87 -15.47 6.14
N VAL B 219 -2.40 -16.36 7.03
CA VAL B 219 -3.26 -16.97 8.05
C VAL B 219 -3.78 -15.96 9.08
N LEU B 220 -2.94 -14.99 9.45
CA LEU B 220 -3.32 -13.91 10.35
C LEU B 220 -4.33 -12.99 9.65
N MET B 221 -4.22 -12.81 8.29
CA MET B 221 -5.20 -12.06 7.49
C MET B 221 -6.55 -12.79 7.55
N GLN B 222 -6.55 -14.14 7.37
CA GLN B 222 -7.78 -14.95 7.45
C GLN B 222 -8.44 -14.78 8.82
N ALA B 223 -7.65 -14.83 9.91
CA ALA B 223 -8.11 -14.66 11.29
C ALA B 223 -8.73 -13.27 11.47
N ILE B 224 -8.02 -12.21 10.97
CA ILE B 224 -8.52 -10.83 11.03
C ILE B 224 -9.86 -10.70 10.32
N SER B 225 -9.94 -11.18 9.08
CA SER B 225 -11.19 -11.12 8.31
C SER B 225 -12.28 -11.98 8.96
N LEU B 226 -11.93 -13.19 9.44
CA LEU B 226 -12.92 -14.08 10.09
C LEU B 226 -13.60 -13.42 11.30
N PHE B 227 -12.78 -12.88 12.24
CA PHE B 227 -13.28 -12.27 13.47
C PHE B 227 -13.60 -10.79 13.29
N SER B 228 -14.58 -10.47 12.44
CA SER B 228 -14.99 -9.08 12.19
C SER B 228 -16.25 -8.81 13.04
N PRO B 229 -16.16 -7.95 14.07
CA PRO B 229 -17.34 -7.71 14.93
C PRO B 229 -18.56 -7.14 14.19
N ASP B 230 -18.31 -6.30 13.16
CA ASP B 230 -19.33 -5.62 12.35
C ASP B 230 -20.08 -6.42 11.27
N ARG B 231 -19.99 -7.76 11.28
CA ARG B 231 -20.72 -8.57 10.29
C ARG B 231 -22.22 -8.62 10.67
N PRO B 232 -23.16 -8.61 9.68
CA PRO B 232 -24.59 -8.71 10.03
C PRO B 232 -24.92 -9.95 10.86
N GLY B 233 -25.77 -9.76 11.88
CA GLY B 233 -26.21 -10.82 12.79
C GLY B 233 -25.26 -11.17 13.92
N VAL B 234 -24.16 -10.42 14.09
CA VAL B 234 -23.20 -10.69 15.16
C VAL B 234 -23.69 -10.03 16.44
N LEU B 235 -23.81 -10.84 17.52
CA LEU B 235 -24.25 -10.41 18.84
C LEU B 235 -23.08 -10.11 19.78
N GLN B 236 -22.08 -11.00 19.85
CA GLN B 236 -20.91 -10.85 20.73
C GLN B 236 -19.82 -9.89 20.20
N HIS B 237 -20.21 -8.66 19.81
CA HIS B 237 -19.33 -7.61 19.28
C HIS B 237 -18.01 -7.49 20.02
N ARG B 238 -18.05 -7.16 21.33
CA ARG B 238 -16.87 -6.96 22.20
C ARG B 238 -15.86 -8.10 22.17
N VAL B 239 -16.32 -9.36 22.36
CA VAL B 239 -15.46 -10.55 22.36
C VAL B 239 -14.75 -10.72 20.99
N VAL B 240 -15.52 -10.54 19.90
CA VAL B 240 -15.04 -10.65 18.54
C VAL B 240 -14.01 -9.54 18.25
N ASP B 241 -14.37 -8.27 18.59
CA ASP B 241 -13.50 -7.09 18.42
C ASP B 241 -12.20 -7.25 19.22
N GLN B 242 -12.27 -7.86 20.41
CA GLN B 242 -11.07 -8.10 21.23
C GLN B 242 -10.19 -9.19 20.64
N LEU B 243 -10.82 -10.24 20.02
CA LEU B 243 -10.07 -11.33 19.37
C LEU B 243 -9.40 -10.78 18.12
N GLN B 244 -10.13 -9.98 17.31
CA GLN B 244 -9.60 -9.35 16.10
C GLN B 244 -8.37 -8.48 16.40
N GLU B 245 -8.44 -7.69 17.50
CA GLU B 245 -7.35 -6.80 17.92
C GLU B 245 -6.11 -7.57 18.25
N GLN B 246 -6.23 -8.71 18.95
CA GLN B 246 -5.05 -9.51 19.30
C GLN B 246 -4.40 -10.19 18.08
N PHE B 247 -5.21 -10.54 17.06
CA PHE B 247 -4.70 -11.11 15.80
C PHE B 247 -3.95 -10.02 15.04
N ALA B 248 -4.50 -8.79 15.03
CA ALA B 248 -3.88 -7.62 14.39
C ALA B 248 -2.54 -7.27 15.05
N ILE B 249 -2.51 -7.21 16.40
CA ILE B 249 -1.29 -6.95 17.18
C ILE B 249 -0.23 -8.04 16.89
N THR B 250 -0.64 -9.32 16.90
CA THR B 250 0.26 -10.44 16.60
C THR B 250 0.85 -10.29 15.19
N LEU B 251 0.04 -9.85 14.22
CA LEU B 251 0.51 -9.62 12.85
C LEU B 251 1.57 -8.50 12.80
N LYS B 252 1.28 -7.37 13.43
CA LYS B 252 2.20 -6.23 13.51
C LYS B 252 3.53 -6.65 14.13
N SER B 253 3.45 -7.45 15.23
CA SER B 253 4.63 -7.93 15.97
C SER B 253 5.42 -8.93 15.16
N TYR B 254 4.73 -9.84 14.42
CA TYR B 254 5.38 -10.81 13.53
C TYR B 254 6.18 -10.10 12.43
N ILE B 255 5.56 -9.09 11.80
CA ILE B 255 6.23 -8.30 10.75
C ILE B 255 7.51 -7.64 11.32
N GLU B 256 7.39 -6.93 12.46
CA GLU B 256 8.51 -6.27 13.16
C GLU B 256 9.69 -7.21 13.44
N CYS B 257 9.41 -8.47 13.78
CA CYS B 257 10.43 -9.49 14.07
C CYS B 257 11.05 -10.16 12.83
N ASN B 258 10.34 -10.17 11.68
CA ASN B 258 10.82 -10.89 10.49
C ASN B 258 11.08 -10.09 9.21
N ARG B 259 10.62 -8.82 9.12
CA ARG B 259 10.77 -8.00 7.90
C ARG B 259 11.64 -6.71 8.07
N PRO B 260 12.99 -6.82 8.29
CA PRO B 260 13.80 -5.59 8.43
C PRO B 260 14.15 -4.89 7.11
N GLN B 261 14.02 -5.61 5.98
CA GLN B 261 14.32 -5.18 4.61
C GLN B 261 13.60 -3.88 4.23
N PRO B 262 14.31 -2.92 3.55
CA PRO B 262 13.66 -1.66 3.14
C PRO B 262 12.49 -1.85 2.17
N ALA B 263 12.37 -3.08 1.60
CA ALA B 263 11.28 -3.47 0.69
C ALA B 263 9.95 -3.59 1.45
N HIS B 264 10.02 -3.97 2.75
CA HIS B 264 8.87 -4.23 3.63
C HIS B 264 8.45 -3.11 4.57
N ARG B 265 8.84 -1.86 4.29
CA ARG B 265 8.40 -0.71 5.10
C ARG B 265 6.90 -0.56 4.95
N PHE B 266 6.21 -0.29 6.07
CA PHE B 266 4.75 -0.12 6.16
C PHE B 266 3.93 -1.37 5.78
N LEU B 267 4.56 -2.58 5.73
CA LEU B 267 3.90 -3.84 5.34
C LEU B 267 2.64 -4.11 6.12
N PHE B 268 2.65 -3.86 7.44
CA PHE B 268 1.48 -4.08 8.29
C PHE B 268 0.31 -3.24 7.86
N LEU B 269 0.54 -1.94 7.63
CA LEU B 269 -0.55 -1.05 7.19
C LEU B 269 -1.00 -1.34 5.76
N LYS B 270 -0.09 -1.78 4.87
CA LYS B 270 -0.46 -2.19 3.51
C LYS B 270 -1.45 -3.37 3.62
N ILE B 271 -1.12 -4.39 4.44
CA ILE B 271 -1.99 -5.56 4.68
C ILE B 271 -3.36 -5.15 5.18
N MET B 272 -3.42 -4.21 6.15
CA MET B 272 -4.66 -3.73 6.74
C MET B 272 -5.53 -3.02 5.72
N ALA B 273 -4.88 -2.27 4.83
CA ALA B 273 -5.56 -1.56 3.74
C ALA B 273 -6.06 -2.59 2.70
N MET B 274 -5.29 -3.67 2.48
CA MET B 274 -5.71 -4.75 1.57
C MET B 274 -6.96 -5.47 2.14
N LEU B 275 -7.04 -5.67 3.47
CA LEU B 275 -8.20 -6.26 4.15
C LEU B 275 -9.44 -5.39 4.01
N THR B 276 -9.27 -4.06 4.12
CA THR B 276 -10.33 -3.07 3.93
C THR B 276 -10.81 -3.18 2.47
N GLU B 277 -9.87 -3.24 1.51
CA GLU B 277 -10.17 -3.43 0.10
C GLU B 277 -10.91 -4.76 -0.15
N LEU B 278 -10.48 -5.86 0.52
CA LEU B 278 -11.15 -7.17 0.40
C LEU B 278 -12.61 -7.10 0.90
N ARG B 279 -12.88 -6.34 1.98
CA ARG B 279 -14.24 -6.16 2.50
C ARG B 279 -15.13 -5.45 1.43
N SER B 280 -14.55 -4.47 0.71
CA SER B 280 -15.24 -3.74 -0.35
C SER B 280 -15.52 -4.65 -1.58
N ILE B 281 -14.52 -5.45 -2.00
CA ILE B 281 -14.65 -6.42 -3.11
C ILE B 281 -15.77 -7.43 -2.78
N ASN B 282 -15.82 -7.84 -1.50
CA ASN B 282 -16.79 -8.78 -0.97
C ASN B 282 -18.23 -8.29 -1.16
N ALA B 283 -18.49 -7.01 -0.80
CA ALA B 283 -19.82 -6.36 -0.91
C ALA B 283 -20.22 -6.31 -2.37
N GLN B 284 -19.28 -5.92 -3.26
CA GLN B 284 -19.49 -5.85 -4.72
C GLN B 284 -19.72 -7.26 -5.31
N HIS B 285 -18.92 -8.26 -4.88
CA HIS B 285 -19.06 -9.63 -5.36
C HIS B 285 -20.42 -10.26 -5.00
N THR B 286 -20.94 -10.02 -3.79
CA THR B 286 -22.25 -10.54 -3.35
C THR B 286 -23.34 -10.02 -4.28
N GLN B 287 -23.34 -8.69 -4.56
CA GLN B 287 -24.32 -8.03 -5.43
C GLN B 287 -24.23 -8.55 -6.88
N ARG B 288 -23.01 -8.77 -7.34
CA ARG B 288 -22.70 -9.31 -8.64
C ARG B 288 -23.20 -10.76 -8.75
N LEU B 289 -22.96 -11.60 -7.71
CA LEU B 289 -23.43 -12.99 -7.72
C LEU B 289 -24.96 -13.05 -7.82
N LEU B 290 -25.67 -12.20 -7.06
CA LEU B 290 -27.14 -12.14 -7.05
C LEU B 290 -27.68 -11.80 -8.44
N ARG B 291 -27.03 -10.85 -9.16
CA ARG B 291 -27.43 -10.47 -10.52
C ARG B 291 -27.35 -11.63 -11.48
N ILE B 292 -26.25 -12.42 -11.42
CA ILE B 292 -26.07 -13.60 -12.27
C ILE B 292 -27.13 -14.65 -11.89
N GLN B 293 -27.30 -14.91 -10.59
CA GLN B 293 -28.27 -15.86 -10.03
C GLN B 293 -29.74 -15.52 -10.38
N ASP B 294 -30.06 -14.20 -10.47
CA ASP B 294 -31.41 -13.73 -10.79
C ASP B 294 -31.85 -14.13 -12.20
N ILE B 295 -30.96 -13.98 -13.20
CA ILE B 295 -31.26 -14.34 -14.59
C ILE B 295 -30.85 -15.76 -14.97
N HIS B 296 -29.89 -16.35 -14.23
CA HIS B 296 -29.40 -17.70 -14.48
C HIS B 296 -29.05 -18.40 -13.16
N PRO B 297 -30.02 -19.05 -12.48
CA PRO B 297 -29.71 -19.76 -11.22
C PRO B 297 -28.59 -20.79 -11.42
N PHE B 298 -27.59 -20.77 -10.51
CA PHE B 298 -26.43 -21.65 -10.59
C PHE B 298 -25.87 -22.03 -9.21
N ALA B 299 -26.10 -21.17 -8.19
CA ALA B 299 -25.58 -21.34 -6.84
C ALA B 299 -25.97 -22.67 -6.18
N THR B 300 -25.02 -23.34 -5.52
CA THR B 300 -25.26 -24.60 -4.80
C THR B 300 -26.08 -24.30 -3.51
N PRO B 301 -26.66 -25.29 -2.81
CA PRO B 301 -27.38 -24.97 -1.57
C PRO B 301 -26.51 -24.31 -0.49
N LEU B 302 -25.20 -24.70 -0.36
CA LEU B 302 -24.31 -24.04 0.62
C LEU B 302 -24.07 -22.58 0.26
N MET B 303 -23.88 -22.31 -1.03
CA MET B 303 -23.69 -20.97 -1.57
C MET B 303 -24.94 -20.11 -1.35
N GLN B 304 -26.14 -20.70 -1.53
CA GLN B 304 -27.41 -19.97 -1.31
C GLN B 304 -27.54 -19.56 0.17
N GLU B 305 -27.05 -20.40 1.10
CA GLU B 305 -27.07 -20.11 2.53
C GLU B 305 -26.12 -18.95 2.85
N LEU B 306 -24.85 -19.06 2.41
CA LEU B 306 -23.81 -18.06 2.66
C LEU B 306 -24.12 -16.70 2.01
N PHE B 307 -24.75 -16.70 0.81
CA PHE B 307 -25.08 -15.48 0.05
C PHE B 307 -26.49 -14.89 0.24
N GLY B 308 -27.37 -15.62 0.93
CA GLY B 308 -28.73 -15.20 1.20
C GLY B 308 -29.72 -15.34 0.06
N ILE B 309 -29.62 -16.46 -0.69
CA ILE B 309 -30.49 -16.74 -1.83
C ILE B 309 -31.72 -17.53 -1.35
N THR B 310 -32.93 -17.02 -1.68
CA THR B 310 -34.22 -17.60 -1.31
C THR B 310 -35.16 -17.67 -2.52
N LEU B 324 -31.75 -17.58 12.40
CA LEU B 324 -30.49 -17.80 11.71
C LEU B 324 -30.21 -19.27 11.45
N THR B 325 -30.38 -20.14 12.47
CA THR B 325 -30.16 -21.59 12.35
C THR B 325 -31.16 -22.24 11.37
N GLU B 326 -32.40 -21.69 11.30
CA GLU B 326 -33.47 -22.16 10.43
C GLU B 326 -33.17 -21.91 8.95
N ARG B 327 -32.69 -20.69 8.63
CA ARG B 327 -32.35 -20.29 7.27
C ARG B 327 -30.92 -20.72 6.81
N HIS B 328 -30.17 -21.43 7.69
CA HIS B 328 -28.79 -21.87 7.43
C HIS B 328 -28.58 -23.30 7.93
N LYS B 329 -29.44 -24.24 7.47
CA LYS B 329 -29.45 -25.65 7.83
C LYS B 329 -28.12 -26.36 7.62
N ILE B 330 -27.52 -26.26 6.40
CA ILE B 330 -26.24 -26.88 6.05
C ILE B 330 -25.14 -26.38 6.97
N LEU B 331 -25.06 -25.04 7.16
CA LEU B 331 -24.05 -24.41 8.03
C LEU B 331 -24.12 -24.97 9.43
N HIS B 332 -25.31 -24.89 10.07
CA HIS B 332 -25.59 -25.43 11.39
C HIS B 332 -25.10 -26.89 11.51
N ARG B 333 -25.44 -27.75 10.53
CA ARG B 333 -25.01 -29.15 10.49
C ARG B 333 -23.48 -29.29 10.46
N LEU B 334 -22.80 -28.58 9.51
CA LEU B 334 -21.33 -28.61 9.38
C LEU B 334 -20.65 -28.15 10.67
N LEU B 335 -21.25 -27.15 11.33
CA LEU B 335 -20.76 -26.64 12.61
C LEU B 335 -20.94 -27.64 13.75
N GLN B 336 -22.01 -28.47 13.70
CA GLN B 336 -22.28 -29.49 14.72
C GLN B 336 -21.39 -30.69 14.55
N GLU B 337 -21.00 -30.97 13.30
CA GLU B 337 -20.11 -32.07 12.95
C GLU B 337 -18.70 -31.80 13.46
N GLY B 338 -17.92 -32.86 13.57
CA GLY B 338 -16.52 -32.78 13.98
C GLY B 338 -15.59 -32.81 12.78
N SER B 339 -14.28 -32.70 13.04
CA SER B 339 -13.32 -32.43 11.99
C SER B 339 -12.41 -33.63 11.75
C13 L7D C . 17.28 14.99 -5.58
C13 L7D C . 15.58 17.38 -2.39
C18 L7D C . 22.60 15.85 -2.03
C18 L7D C . 22.61 16.15 -2.25
C17 L7D C . 21.31 15.47 -2.75
C17 L7D C . 21.47 15.50 -3.04
C16 L7D C . 18.63 13.38 -3.75
C16 L7D C . 16.71 15.77 -4.35
C15 L7D C . 18.43 12.94 -5.06
C15 L7D C . 15.52 16.43 -4.60
C19 L7D C . 22.25 16.99 -1.15
C19 L7D C . 21.98 16.90 -1.13
C20 L7D C . 20.77 16.84 -0.87
C20 L7D C . 20.50 16.57 -1.18
C11 L7D C . 18.19 14.64 -3.38
C11 L7D C . 17.31 15.90 -3.11
C12 L7D C . 17.48 15.43 -4.28
C12 L7D C . 16.75 16.70 -2.13
C1 L7D C . 18.36 19.44 -3.76
C1 L7D C . 19.70 18.47 -5.75
C2 L7D C . 19.01 19.60 -4.98
C2 L7D C . 19.05 19.59 -5.21
C3 L7D C . 20.11 18.78 -5.25
C3 L7D C . 18.88 19.65 -3.84
C4 L7D C . 20.50 17.79 -4.36
C4 L7D C . 19.29 18.60 -3.02
C5 L7D C . 19.81 17.58 -3.16
C5 L7D C . 19.86 17.46 -3.56
C6 L7D C . 18.75 18.45 -2.88
C6 L7D C . 20.09 17.42 -4.93
C7 L7D C . 18.38 20.59 -6.02
C7 L7D C . 18.41 20.68 -6.12
C8 L7D C . 20.11 16.37 -2.21
C8 L7D C . 20.12 16.22 -2.66
C9 L7D C . 17.88 19.96 -7.35
C9 L7D C . 17.79 20.19 -7.46
C10 L7D C . 19.29 21.81 -6.34
C10 L7D C . 19.44 21.82 -6.38
F1 L7D C . 17.17 20.81 -8.06
F1 L7D C . 17.01 21.12 -8.00
F2 L7D C . 18.89 19.56 -8.12
F2 L7D C . 17.03 19.11 -7.28
F3 L7D C . 17.11 18.89 -7.13
F3 L7D C . 18.71 19.87 -8.35
O1 L7D C . 17.20 21.17 -5.48
O1 L7D C . 17.32 21.30 -5.47
S1 L7D C . 18.66 15.31 -1.83
S1 L7D C . 18.79 15.00 -2.76
C14 L7D C . 17.81 13.77 -5.94
C14 L7D C . 15.00 17.24 -3.61
O2 L7D C . 17.60 16.13 -1.35
O2 L7D C . 18.62 14.37 -1.47
O3 L7D C . 19.09 14.22 -0.99
O3 L7D C . 19.07 14.16 -3.89
F4 L7D C . 20.39 21.49 -7.00
F4 L7D C . 20.46 21.40 -7.10
F5 L7D C . 19.67 22.43 -5.22
F5 L7D C . 19.92 22.31 -5.25
F6 L7D C . 18.65 22.70 -7.08
F6 L7D C . 18.88 22.83 -7.04
F7 L7D C . 17.83 13.46 -7.26
F7 L7D C . 13.84 17.91 -3.87
C18 L7D D . -11.47 -15.14 -11.43
C17 L7D D . -11.66 -16.42 -10.66
C19 L7D D . -11.41 -14.03 -10.43
C20 L7D D . -11.54 -14.69 -9.06
C11 L7D D . -12.11 -16.77 -6.49
C1 L7D D . -15.98 -16.43 -10.22
C2 L7D D . -16.63 -16.13 -9.03
C3 L7D D . -15.85 -15.68 -7.96
C4 L7D D . -14.48 -15.61 -8.07
C5 L7D D . -13.82 -15.99 -9.23
C6 L7D D . -14.60 -16.37 -10.32
C7 L7D D . -18.14 -16.40 -8.77
C8 L7D D . -12.22 -16.07 -9.24
C9 L7D D . -18.58 -17.87 -9.05
C10 L7D D . -19.04 -15.41 -9.55
F1 L7D D . -17.82 -18.77 -8.41
F2 L7D D . -18.50 -18.15 -10.34
F3 L7D D . -19.83 -18.10 -8.68
O1 L7D D . -18.47 -16.17 -7.41
S1 L7D D . -11.51 -17.27 -8.06
O2 L7D D . -10.08 -17.15 -8.03
O3 L7D D . -12.08 -18.56 -8.36
F4 L7D D . -18.94 -15.55 -10.87
F5 L7D D . -18.77 -14.14 -9.27
F6 L7D D . -20.33 -15.60 -9.24
#